data_6HZQ
#
_entry.id   6HZQ
#
_cell.length_a   91.870
_cell.length_b   150.025
_cell.length_c   43.053
_cell.angle_alpha   90.00
_cell.angle_beta   90.00
_cell.angle_gamma   90.00
#
_symmetry.space_group_name_H-M   'C 2 2 21'
#
loop_
_entity.id
_entity.type
_entity.pdbx_description
1 polymer 'Peptidoglycan D,D-transpeptidase FtsI'
2 water water
#
_entity_poly.entity_id   1
_entity_poly.type   'polypeptide(L)'
_entity_poly.pdbx_seq_one_letter_code
;GPGYQDPLSIDERLQALVYRELNNAVAFNKAESGSAVLVDVNTGEVLAMANSPGRNRTITDVFEPGSTVKPMVVMTALQR
GVVRENSVLNTIPYRINGHEIKDVARYSELTLTGVLQKSSNVGVSKLALAMPSSALVDTYSRFGLGKATNLGLVGERSGL
YPQKQRWSDIERATFSFGYGLMVTPLQLARVYATIGSYGIYRPLSITKVDPPVPGERVFPESIVRTVVHMMESVALPGGG
GVKAAIKGYRIAIKTGTAKKVGPDGRYINKYIAYTAGVAPASQPRFALVVVINDPQAGKYYGGAVSAPVFGAIMGGVLRT
MNIEPDALTTGDKNEFVINQGEGTGGRS
;
_entity_poly.pdbx_strand_id   A
#
# COMPACT_ATOMS: atom_id res chain seq x y z
N LEU A 8 14.17 -11.12 19.09
CA LEU A 8 12.96 -10.70 18.28
C LEU A 8 13.12 -9.24 17.89
N SER A 9 12.74 -8.90 16.66
CA SER A 9 12.79 -7.52 16.14
C SER A 9 11.71 -6.66 16.79
N ILE A 10 10.63 -7.30 17.23
CA ILE A 10 9.42 -6.63 17.77
C ILE A 10 9.82 -5.55 18.79
N ASP A 11 9.27 -4.36 18.65
CA ASP A 11 9.36 -3.35 19.73
C ASP A 11 8.00 -3.41 20.42
N GLU A 12 7.99 -3.77 21.72
CA GLU A 12 6.74 -4.12 22.44
C GLU A 12 5.90 -2.87 22.71
N ARG A 13 6.56 -1.71 22.82
CA ARG A 13 5.86 -0.41 22.84
C ARG A 13 5.03 -0.23 21.56
N LEU A 14 5.71 -0.39 20.41
CA LEU A 14 5.08 -0.35 19.08
C LEU A 14 4.07 -1.50 18.93
N GLN A 15 4.42 -2.71 19.37
CA GLN A 15 3.48 -3.85 19.37
C GLN A 15 2.23 -3.49 20.21
N ALA A 16 2.40 -2.95 21.42
CA ALA A 16 1.30 -2.62 22.35
C ALA A 16 0.25 -1.69 21.70
N LEU A 17 0.72 -0.53 21.24
CA LEU A 17 -0.15 0.51 20.69
C LEU A 17 -0.71 0.12 19.34
N VAL A 18 0.04 -0.63 18.54
CA VAL A 18 -0.51 -1.20 17.28
C VAL A 18 -1.68 -2.10 17.64
N TYR A 19 -1.55 -2.96 18.65
CA TYR A 19 -2.63 -3.85 19.11
C TYR A 19 -3.83 -3.01 19.64
N ARG A 20 -3.57 -1.94 20.40
CA ARG A 20 -4.64 -1.12 20.98
C ARG A 20 -5.52 -0.55 19.86
N GLU A 21 -4.91 0.23 18.97
CA GLU A 21 -5.58 0.90 17.83
C GLU A 21 -6.29 -0.10 16.94
N LEU A 22 -5.68 -1.27 16.77
CA LEU A 22 -6.26 -2.41 16.05
C LEU A 22 -7.53 -2.92 16.73
N ASN A 23 -7.56 -2.94 18.07
CA ASN A 23 -8.78 -3.36 18.82
C ASN A 23 -9.90 -2.34 18.68
N ASN A 24 -9.54 -1.07 18.86
CA ASN A 24 -10.47 0.07 18.69
C ASN A 24 -11.08 0.04 17.29
N ALA A 25 -10.22 -0.03 16.26
CA ALA A 25 -10.63 0.00 14.86
C ALA A 25 -11.54 -1.17 14.52
N VAL A 26 -11.28 -2.35 15.07
CA VAL A 26 -12.14 -3.53 14.79
C VAL A 26 -13.53 -3.39 15.44
N ALA A 27 -13.57 -3.11 16.75
CA ALA A 27 -14.78 -2.72 17.50
C ALA A 27 -15.52 -1.55 16.84
N PHE A 28 -14.82 -0.44 16.58
CA PHE A 28 -15.42 0.79 16.01
C PHE A 28 -16.15 0.46 14.69
N ASN A 29 -15.58 -0.42 13.85
CA ASN A 29 -16.16 -0.76 12.53
C ASN A 29 -16.98 -2.04 12.55
N LYS A 30 -17.21 -2.65 13.71
CA LYS A 30 -17.90 -3.96 13.79
C LYS A 30 -17.34 -4.95 12.75
N ALA A 31 -16.01 -5.09 12.70
CA ALA A 31 -15.34 -5.94 11.69
C ALA A 31 -15.10 -7.34 12.26
N GLU A 32 -14.91 -8.29 11.36
CA GLU A 32 -14.49 -9.66 11.70
C GLU A 32 -13.17 -9.66 12.48
N SER A 33 -12.14 -9.04 11.89
CA SER A 33 -10.75 -9.01 12.38
C SER A 33 -9.94 -7.87 11.71
N GLY A 34 -8.70 -7.71 12.20
CA GLY A 34 -7.71 -6.75 11.68
C GLY A 34 -6.29 -7.28 11.82
N SER A 35 -5.38 -6.73 11.04
CA SER A 35 -3.96 -7.06 11.09
C SER A 35 -3.13 -5.81 10.74
N ALA A 36 -1.97 -5.66 11.35
CA ALA A 36 -1.01 -4.59 11.01
C ALA A 36 0.41 -5.16 11.01
N VAL A 37 1.26 -4.64 10.14
CA VAL A 37 2.68 -4.98 10.07
C VAL A 37 3.50 -3.69 9.94
N LEU A 38 4.27 -3.37 10.98
CA LEU A 38 5.20 -2.22 10.97
C LEU A 38 6.61 -2.76 10.76
N VAL A 39 7.38 -2.09 9.91
CA VAL A 39 8.68 -2.60 9.45
C VAL A 39 9.66 -1.44 9.45
N ASP A 40 10.89 -1.68 9.88
CA ASP A 40 11.93 -0.64 9.77
C ASP A 40 12.38 -0.56 8.30
N VAL A 41 12.20 0.62 7.71
CA VAL A 41 12.41 0.79 6.25
C VAL A 41 13.91 0.60 5.91
N ASN A 42 14.79 0.74 6.89
CA ASN A 42 16.24 0.70 6.62
C ASN A 42 16.92 -0.61 6.97
N THR A 43 16.17 -1.54 7.58
CA THR A 43 16.76 -2.73 8.17
C THR A 43 15.96 -3.96 7.79
N GLY A 44 14.66 -3.82 7.60
CA GLY A 44 13.78 -4.97 7.25
C GLY A 44 13.08 -5.55 8.48
N GLU A 45 13.42 -4.99 9.65
CA GLU A 45 13.00 -5.48 10.99
C GLU A 45 11.52 -5.29 11.14
N VAL A 46 10.76 -6.38 11.27
CA VAL A 46 9.32 -6.31 11.66
C VAL A 46 9.19 -5.84 13.11
N LEU A 47 8.89 -4.56 13.35
CA LEU A 47 8.85 -4.00 14.73
C LEU A 47 7.49 -4.22 15.42
N ALA A 48 6.45 -4.45 14.61
CA ALA A 48 5.14 -4.89 15.11
C ALA A 48 4.50 -5.81 14.08
N MET A 49 3.77 -6.80 14.60
CA MET A 49 3.01 -7.75 13.78
C MET A 49 1.90 -8.33 14.66
N ALA A 50 0.67 -7.84 14.47
CA ALA A 50 -0.45 -8.04 15.40
C ALA A 50 -1.72 -8.41 14.65
N ASN A 51 -2.56 -9.18 15.32
CA ASN A 51 -3.93 -9.48 14.89
C ASN A 51 -4.89 -9.04 16.00
N SER A 52 -6.11 -8.65 15.61
CA SER A 52 -7.19 -8.37 16.57
C SER A 52 -8.32 -9.38 16.33
N PRO A 53 -8.45 -10.39 17.22
CA PRO A 53 -9.56 -11.33 17.22
C PRO A 53 -10.93 -10.63 17.18
N ARG A 57 -4.75 -13.75 18.10
CA ARG A 57 -5.05 -15.19 17.94
C ARG A 57 -5.67 -15.50 16.57
N THR A 58 -6.25 -14.49 15.90
CA THR A 58 -6.57 -14.55 14.46
C THR A 58 -5.26 -14.56 13.68
N ILE A 59 -5.30 -14.88 12.39
CA ILE A 59 -4.10 -14.88 11.54
C ILE A 59 -4.25 -14.04 10.28
N THR A 60 -3.11 -13.55 9.81
CA THR A 60 -2.91 -12.80 8.56
C THR A 60 -3.01 -13.74 7.34
N ASP A 61 -4.13 -13.68 6.59
CA ASP A 61 -4.35 -14.51 5.38
C ASP A 61 -3.84 -13.82 4.10
N VAL A 62 -4.34 -14.23 2.94
CA VAL A 62 -4.09 -13.54 1.64
C VAL A 62 -5.30 -12.69 1.21
N PHE A 63 -5.04 -11.69 0.37
CA PHE A 63 -6.07 -10.77 -0.12
C PHE A 63 -5.58 -10.08 -1.39
N GLU A 64 -6.50 -9.46 -2.13
CA GLU A 64 -6.16 -8.69 -3.36
C GLU A 64 -5.68 -7.30 -2.94
N PRO A 65 -4.41 -6.96 -3.26
CA PRO A 65 -3.79 -5.72 -2.78
C PRO A 65 -4.39 -4.44 -3.37
N GLY A 66 -5.23 -4.56 -4.40
CA GLY A 66 -5.92 -3.42 -4.99
C GLY A 66 -4.99 -2.25 -5.27
N SER A 67 -5.26 -1.10 -4.64
CA SER A 67 -4.67 0.21 -5.01
C SER A 67 -3.19 0.35 -4.59
N THR A 68 -2.70 -0.54 -3.72
CA THR A 68 -1.34 -0.43 -3.15
C THR A 68 -0.25 -0.76 -4.17
N VAL A 69 -0.60 -1.50 -5.23
CA VAL A 69 0.34 -1.87 -6.32
C VAL A 69 0.55 -0.70 -7.27
N LYS A 70 -0.40 0.24 -7.30
CA LYS A 70 -0.42 1.34 -8.27
C LYS A 70 0.92 2.11 -8.33
N PRO A 71 1.52 2.54 -7.20
CA PRO A 71 2.76 3.33 -7.29
C PRO A 71 3.85 2.59 -8.06
N MET A 72 3.90 1.27 -7.95
CA MET A 72 4.90 0.44 -8.66
C MET A 72 4.71 0.55 -10.17
N VAL A 73 3.44 0.60 -10.59
CA VAL A 73 3.01 0.70 -12.01
C VAL A 73 3.59 2.00 -12.60
N VAL A 74 3.40 3.09 -11.85
CA VAL A 74 3.87 4.44 -12.20
C VAL A 74 5.41 4.45 -12.27
N MET A 75 6.05 3.89 -11.25
CA MET A 75 7.52 3.71 -11.18
C MET A 75 8.04 3.03 -12.46
N THR A 76 7.48 1.87 -12.79
CA THR A 76 7.82 1.12 -14.01
C THR A 76 7.70 2.01 -15.25
N ALA A 77 6.62 2.79 -15.32
CA ALA A 77 6.28 3.64 -16.47
C ALA A 77 7.32 4.76 -16.60
N LEU A 78 7.57 5.44 -15.48
CA LEU A 78 8.63 6.45 -15.41
C LEU A 78 9.95 5.86 -15.88
N GLN A 79 10.27 4.63 -15.45
CA GLN A 79 11.53 3.96 -15.81
C GLN A 79 11.58 3.66 -17.31
N ARG A 80 10.47 3.17 -17.88
CA ARG A 80 10.39 2.78 -19.30
C ARG A 80 10.36 4.03 -20.21
N GLY A 81 10.19 5.22 -19.62
CA GLY A 81 10.07 6.46 -20.39
C GLY A 81 8.69 6.59 -21.02
N VAL A 82 7.82 5.63 -20.76
CA VAL A 82 6.38 5.72 -21.11
C VAL A 82 5.84 7.12 -20.78
N VAL A 83 6.17 7.59 -19.59
CA VAL A 83 5.66 8.86 -19.02
C VAL A 83 6.86 9.65 -18.48
N ARG A 84 6.70 10.97 -18.34
CA ARG A 84 7.65 11.86 -17.64
C ARG A 84 7.09 12.29 -16.30
N GLU A 85 7.92 12.94 -15.50
CA GLU A 85 7.55 13.24 -14.09
C GLU A 85 6.27 14.09 -14.05
N ASN A 86 6.11 15.04 -14.99
CA ASN A 86 4.97 15.98 -15.06
C ASN A 86 3.90 15.57 -16.10
N SER A 87 3.88 14.29 -16.49
CA SER A 87 2.94 13.82 -17.52
C SER A 87 1.50 13.83 -17.02
N VAL A 88 0.59 14.23 -17.91
CA VAL A 88 -0.88 14.22 -17.76
C VAL A 88 -1.41 13.08 -18.64
N LEU A 89 -2.31 12.27 -18.08
CA LEU A 89 -2.87 11.11 -18.77
C LEU A 89 -4.34 11.35 -19.08
N ASN A 90 -4.78 10.80 -20.21
CA ASN A 90 -6.20 10.68 -20.57
C ASN A 90 -6.82 9.61 -19.67
N THR A 91 -7.72 10.03 -18.78
CA THR A 91 -8.37 9.14 -17.80
C THR A 91 -9.83 8.83 -18.22
N ILE A 92 -10.18 9.11 -19.48
CA ILE A 92 -11.52 8.78 -20.02
C ILE A 92 -11.71 7.27 -19.89
N PRO A 93 -12.84 6.80 -19.30
CA PRO A 93 -13.06 5.36 -19.15
C PRO A 93 -13.24 4.66 -20.50
N TYR A 94 -12.97 3.35 -20.53
CA TYR A 94 -13.01 2.55 -21.77
C TYR A 94 -13.37 1.11 -21.44
N ARG A 95 -13.51 0.28 -22.48
CA ARG A 95 -13.94 -1.12 -22.34
C ARG A 95 -12.90 -2.08 -22.94
N ILE A 96 -13.05 -3.38 -22.63
CA ILE A 96 -12.20 -4.47 -23.18
C ILE A 96 -13.07 -5.67 -23.57
N HIS A 99 -16.72 -5.34 -20.63
CA HIS A 99 -15.62 -5.14 -19.67
C HIS A 99 -15.30 -3.66 -19.49
N GLU A 100 -15.82 -3.06 -18.42
CA GLU A 100 -15.72 -1.60 -18.19
C GLU A 100 -14.55 -1.26 -17.29
N ILE A 101 -13.75 -0.26 -17.68
CA ILE A 101 -12.72 0.33 -16.82
C ILE A 101 -13.10 1.79 -16.55
N LYS A 102 -13.42 2.08 -15.28
CA LYS A 102 -13.92 3.40 -14.84
C LYS A 102 -13.24 3.75 -13.50
N ASP A 103 -13.55 4.92 -12.96
CA ASP A 103 -12.98 5.40 -11.68
C ASP A 103 -14.13 5.74 -10.73
N VAL A 104 -13.82 6.09 -9.47
CA VAL A 104 -14.80 6.65 -8.52
C VAL A 104 -15.48 7.86 -9.17
N ALA A 105 -14.69 8.69 -9.86
CA ALA A 105 -15.21 9.86 -10.60
C ALA A 105 -14.67 9.87 -12.03
N ARG A 106 -15.50 10.29 -12.99
CA ARG A 106 -15.04 10.53 -14.38
C ARG A 106 -14.16 11.78 -14.38
N TYR A 107 -12.89 11.57 -14.72
CA TYR A 107 -11.93 12.61 -15.09
C TYR A 107 -11.47 12.34 -16.52
N SER A 108 -11.47 13.40 -17.35
CA SER A 108 -10.92 13.33 -18.72
C SER A 108 -9.40 13.19 -18.65
N GLU A 109 -8.80 13.86 -17.67
CA GLU A 109 -7.33 13.94 -17.54
C GLU A 109 -6.91 14.04 -16.08
N LEU A 110 -5.79 13.39 -15.74
CA LEU A 110 -5.18 13.50 -14.41
C LEU A 110 -3.67 13.60 -14.57
N THR A 111 -3.01 14.34 -13.68
CA THR A 111 -1.56 14.24 -13.49
C THR A 111 -1.27 12.85 -12.89
N LEU A 112 -0.03 12.38 -13.01
CA LEU A 112 0.45 11.17 -12.30
C LEU A 112 0.20 11.34 -10.79
N THR A 113 0.51 12.54 -10.26
CA THR A 113 0.10 12.85 -8.87
C THR A 113 -1.38 12.60 -8.73
N GLY A 114 -2.16 13.21 -9.65
CA GLY A 114 -3.62 13.10 -9.74
C GLY A 114 -4.13 11.67 -9.69
N VAL A 115 -3.55 10.78 -10.51
CA VAL A 115 -3.90 9.34 -10.64
C VAL A 115 -3.81 8.62 -9.30
N LEU A 116 -2.85 9.03 -8.48
CA LEU A 116 -2.67 8.46 -7.12
C LEU A 116 -3.66 9.10 -6.17
N GLN A 117 -3.57 10.43 -6.00
CA GLN A 117 -4.60 11.22 -5.25
C GLN A 117 -5.99 10.61 -5.40
N LYS A 118 -6.39 10.32 -6.65
CA LYS A 118 -7.76 9.92 -7.04
C LYS A 118 -7.85 8.41 -7.26
N SER A 119 -6.71 7.71 -7.15
CA SER A 119 -6.58 6.25 -7.32
C SER A 119 -7.12 5.78 -8.67
N SER A 120 -6.68 6.41 -9.76
CA SER A 120 -7.25 6.19 -11.09
C SER A 120 -6.88 4.82 -11.65
N ASN A 121 -7.85 3.89 -11.69
CA ASN A 121 -7.70 2.56 -12.31
C ASN A 121 -7.43 2.71 -13.80
N VAL A 122 -8.26 3.57 -14.42
CA VAL A 122 -8.21 3.89 -15.86
C VAL A 122 -6.77 4.27 -16.26
N GLY A 123 -6.14 5.14 -15.45
CA GLY A 123 -4.81 5.70 -15.73
C GLY A 123 -3.66 4.72 -15.52
N VAL A 124 -3.72 3.90 -14.48
CA VAL A 124 -2.68 2.86 -14.25
C VAL A 124 -2.86 1.71 -15.24
N SER A 125 -4.08 1.50 -15.76
CA SER A 125 -4.30 0.49 -16.79
C SER A 125 -3.61 0.92 -18.09
N LYS A 126 -3.73 2.19 -18.46
CA LYS A 126 -3.21 2.71 -19.75
C LYS A 126 -1.68 2.66 -19.75
N LEU A 127 -1.10 2.87 -18.58
CA LEU A 127 0.33 2.63 -18.37
C LEU A 127 0.65 1.16 -18.65
N ALA A 128 -0.12 0.23 -18.06
CA ALA A 128 0.14 -1.23 -18.13
C ALA A 128 -0.20 -1.80 -19.52
N LEU A 129 -1.18 -1.20 -20.18
CA LEU A 129 -1.47 -1.47 -21.60
C LEU A 129 -0.24 -1.08 -22.41
N ALA A 130 0.34 0.09 -22.13
CA ALA A 130 1.42 0.68 -22.92
C ALA A 130 2.81 0.11 -22.59
N MET A 131 2.85 -1.05 -21.93
CA MET A 131 4.11 -1.69 -21.51
C MET A 131 4.05 -3.18 -21.82
N PRO A 132 5.22 -3.86 -21.88
CA PRO A 132 5.27 -5.33 -21.97
C PRO A 132 4.41 -6.00 -20.89
N SER A 133 4.10 -7.29 -21.04
CA SER A 133 3.45 -8.09 -19.97
C SER A 133 4.46 -8.39 -18.86
N SER A 134 5.75 -8.39 -19.21
CA SER A 134 6.84 -8.71 -18.27
C SER A 134 7.09 -7.55 -17.30
N ALA A 135 6.96 -6.32 -17.81
CA ALA A 135 7.35 -5.09 -17.11
C ALA A 135 6.81 -5.01 -15.69
N LEU A 136 5.51 -5.29 -15.50
CA LEU A 136 4.87 -5.27 -14.16
C LEU A 136 5.25 -6.50 -13.36
N VAL A 137 5.21 -7.67 -14.02
CA VAL A 137 5.56 -8.98 -13.42
C VAL A 137 6.99 -8.93 -12.86
N ASP A 138 7.87 -8.21 -13.56
CA ASP A 138 9.25 -7.95 -13.11
C ASP A 138 9.23 -7.10 -11.83
N THR A 139 8.67 -5.89 -11.91
CA THR A 139 8.64 -4.87 -10.84
C THR A 139 8.01 -5.36 -9.54
N TYR A 140 6.79 -5.87 -9.65
CA TYR A 140 6.03 -6.47 -8.55
C TYR A 140 6.91 -7.47 -7.83
N SER A 141 7.41 -8.47 -8.57
CA SER A 141 8.24 -9.54 -8.00
C SER A 141 9.57 -8.99 -7.51
N ARG A 142 10.09 -7.95 -8.16
CA ARG A 142 11.30 -7.24 -7.68
C ARG A 142 11.04 -6.66 -6.28
N PHE A 143 9.84 -6.14 -6.05
CA PHE A 143 9.40 -5.67 -4.72
C PHE A 143 9.00 -6.84 -3.82
N GLY A 144 9.17 -8.05 -4.34
CA GLY A 144 9.05 -9.29 -3.57
C GLY A 144 7.69 -9.93 -3.63
N LEU A 145 6.81 -9.50 -4.54
CA LEU A 145 5.49 -10.15 -4.67
C LEU A 145 5.64 -11.45 -5.47
N GLY A 146 4.80 -12.43 -5.12
CA GLY A 146 4.89 -13.81 -5.63
C GLY A 146 6.06 -14.55 -5.01
N LYS A 147 6.65 -14.00 -3.95
CA LYS A 147 7.78 -14.61 -3.21
C LYS A 147 7.39 -14.78 -1.74
N ALA A 148 7.73 -15.93 -1.16
CA ALA A 148 7.51 -16.26 0.26
C ALA A 148 8.21 -15.22 1.14
N THR A 149 7.85 -15.15 2.43
CA THR A 149 8.44 -14.18 3.36
C THR A 149 9.31 -14.86 4.42
N ASN A 150 8.99 -16.10 4.78
CA ASN A 150 9.82 -16.95 5.66
C ASN A 150 10.12 -16.27 7.01
N LEU A 151 9.08 -15.85 7.72
CA LEU A 151 9.20 -15.52 9.16
C LEU A 151 8.82 -16.76 9.97
N TYR A 161 -0.33 -14.99 -7.08
CA TYR A 161 0.57 -14.32 -8.05
C TYR A 161 0.99 -15.29 -9.16
N PRO A 162 0.19 -15.37 -10.26
CA PRO A 162 0.49 -16.28 -11.37
C PRO A 162 1.58 -15.72 -12.31
N SER A 168 -2.82 -11.43 -21.15
CA SER A 168 -3.69 -10.51 -21.93
C SER A 168 -3.86 -9.19 -21.17
N ASP A 169 -4.23 -8.13 -21.91
CA ASP A 169 -4.43 -6.77 -21.36
C ASP A 169 -5.35 -6.79 -20.16
N ILE A 170 -6.51 -7.46 -20.29
CA ILE A 170 -7.50 -7.63 -19.21
C ILE A 170 -6.80 -8.07 -17.91
N GLU A 171 -5.77 -8.93 -18.04
CA GLU A 171 -4.97 -9.40 -16.92
C GLU A 171 -3.91 -8.36 -16.55
N ARG A 172 -3.12 -7.89 -17.53
CA ARG A 172 -2.17 -6.76 -17.35
C ARG A 172 -2.82 -5.55 -16.68
N ALA A 173 -4.09 -5.31 -17.01
CA ALA A 173 -4.89 -4.17 -16.54
C ALA A 173 -5.33 -4.38 -15.09
N THR A 174 -6.06 -5.45 -14.81
CA THR A 174 -6.48 -5.77 -13.43
C THR A 174 -5.26 -5.71 -12.51
N PHE A 175 -4.19 -6.38 -12.93
CA PHE A 175 -2.94 -6.46 -12.16
C PHE A 175 -2.41 -5.04 -11.86
N SER A 176 -2.67 -4.08 -12.76
CA SER A 176 -2.23 -2.67 -12.60
C SER A 176 -2.90 -1.97 -11.39
N PHE A 177 -4.12 -2.37 -11.04
CA PHE A 177 -4.80 -1.92 -9.80
C PHE A 177 -5.07 -3.12 -8.88
N GLY A 178 -4.18 -4.11 -8.94
CA GLY A 178 -4.05 -5.18 -7.94
C GLY A 178 -5.25 -6.09 -7.82
N TYR A 179 -5.66 -6.68 -8.93
CA TYR A 179 -6.74 -7.67 -8.99
C TYR A 179 -6.31 -8.86 -9.84
N GLY A 180 -6.84 -10.04 -9.50
CA GLY A 180 -6.46 -11.31 -10.14
C GLY A 180 -5.09 -11.75 -9.68
N LEU A 181 -4.64 -11.17 -8.57
CA LEU A 181 -3.41 -11.55 -7.85
C LEU A 181 -3.65 -11.27 -6.37
N MET A 182 -3.06 -12.08 -5.51
CA MET A 182 -3.24 -12.00 -4.05
C MET A 182 -1.90 -12.06 -3.32
N VAL A 183 -1.85 -11.43 -2.14
CA VAL A 183 -0.63 -11.22 -1.32
C VAL A 183 -1.06 -11.24 0.14
N THR A 184 -0.14 -11.51 1.06
CA THR A 184 -0.38 -11.38 2.52
C THR A 184 0.04 -9.98 2.95
N PRO A 185 -0.43 -9.51 4.12
CA PRO A 185 0.06 -8.26 4.72
C PRO A 185 1.58 -8.20 4.76
N LEU A 186 2.20 -9.36 5.00
CA LEU A 186 3.65 -9.50 5.17
C LEU A 186 4.37 -9.16 3.87
N GLN A 187 3.96 -9.76 2.74
CA GLN A 187 4.59 -9.47 1.44
C GLN A 187 4.47 -7.98 1.08
N LEU A 188 3.27 -7.45 1.24
CA LEU A 188 2.99 -6.02 1.01
C LEU A 188 3.86 -5.13 1.90
N ALA A 189 4.04 -5.51 3.16
CA ALA A 189 4.84 -4.71 4.11
C ALA A 189 6.28 -4.62 3.55
N ARG A 190 6.73 -5.73 2.97
CA ARG A 190 8.01 -5.82 2.25
C ARG A 190 8.05 -4.90 1.00
N VAL A 191 6.94 -4.79 0.27
CA VAL A 191 6.86 -3.85 -0.87
C VAL A 191 7.12 -2.42 -0.37
N TYR A 192 6.38 -2.03 0.67
CA TYR A 192 6.38 -0.64 1.16
C TYR A 192 7.67 -0.28 1.89
N ALA A 193 8.33 -1.25 2.49
CA ALA A 193 9.71 -1.14 3.03
C ALA A 193 10.74 -0.76 1.92
N THR A 194 10.63 -1.45 0.78
CA THR A 194 11.43 -1.22 -0.44
C THR A 194 11.19 0.19 -1.01
N ILE A 195 9.94 0.68 -0.93
CA ILE A 195 9.58 2.08 -1.28
C ILE A 195 10.27 3.03 -0.28
N GLY A 196 10.11 2.78 1.02
CA GLY A 196 10.69 3.70 2.02
C GLY A 196 12.20 3.77 1.90
N SER A 197 12.85 2.64 1.66
CA SER A 197 14.32 2.61 1.49
C SER A 197 14.74 3.21 0.14
N TYR A 198 13.77 3.65 -0.67
CA TYR A 198 13.92 4.16 -2.07
C TYR A 198 14.39 3.05 -3.02
N GLY A 199 13.93 1.83 -2.79
CA GLY A 199 14.04 0.76 -3.78
C GLY A 199 15.16 -0.22 -3.48
N ILE A 200 15.76 -0.14 -2.30
CA ILE A 200 16.64 -1.22 -1.83
C ILE A 200 15.76 -2.30 -1.22
N TYR A 201 15.70 -3.44 -1.89
CA TYR A 201 15.02 -4.63 -1.37
C TYR A 201 15.85 -5.30 -0.28
N ARG A 202 15.17 -5.65 0.81
CA ARG A 202 15.68 -6.39 1.99
C ARG A 202 14.56 -7.35 2.42
N PRO A 203 14.87 -8.58 2.89
CA PRO A 203 13.77 -9.38 3.40
C PRO A 203 13.34 -8.87 4.78
N LEU A 204 12.18 -9.35 5.23
CA LEU A 204 11.66 -9.00 6.56
C LEU A 204 12.48 -9.76 7.58
N SER A 205 12.54 -9.25 8.81
CA SER A 205 13.38 -9.83 9.86
C SER A 205 12.64 -9.83 11.18
N ILE A 206 12.40 -11.03 11.69
CA ILE A 206 11.81 -11.24 13.01
C ILE A 206 12.92 -11.12 14.09
N THR A 207 14.18 -10.98 13.68
CA THR A 207 15.32 -10.86 14.62
C THR A 207 16.05 -9.52 14.45
N LYS A 208 16.45 -8.91 15.58
CA LYS A 208 17.25 -7.67 15.63
C LYS A 208 18.48 -7.77 14.71
N VAL A 209 18.89 -6.62 14.15
CA VAL A 209 20.13 -6.46 13.36
C VAL A 209 20.75 -5.13 13.79
N ASP A 210 22.00 -4.85 13.44
CA ASP A 210 22.62 -3.51 13.58
C ASP A 210 22.52 -2.78 12.24
N PRO A 211 22.05 -1.53 12.25
CA PRO A 211 22.02 -0.76 11.02
C PRO A 211 23.45 -0.35 10.69
N PRO A 212 23.79 -0.23 9.38
CA PRO A 212 22.87 -0.51 8.27
C PRO A 212 22.85 -1.96 7.79
N VAL A 213 21.77 -2.32 7.10
CA VAL A 213 21.64 -3.64 6.46
C VAL A 213 21.79 -3.51 4.94
N PRO A 214 22.91 -3.95 4.33
CA PRO A 214 22.96 -4.04 2.86
C PRO A 214 21.75 -4.76 2.27
N GLY A 215 21.09 -4.18 1.26
CA GLY A 215 20.06 -4.87 0.47
C GLY A 215 20.39 -4.96 -1.03
N GLU A 216 19.38 -5.17 -1.87
CA GLU A 216 19.51 -5.25 -3.35
C GLU A 216 18.83 -4.05 -4.05
N ARG A 217 19.57 -3.33 -4.90
CA ARG A 217 19.04 -2.22 -5.69
C ARG A 217 18.05 -2.81 -6.72
N VAL A 218 16.77 -2.51 -6.56
CA VAL A 218 15.79 -3.05 -7.49
C VAL A 218 15.11 -1.98 -8.32
N PHE A 219 15.19 -0.72 -7.88
CA PHE A 219 14.72 0.43 -8.64
C PHE A 219 15.61 1.64 -8.37
N PRO A 220 15.79 2.56 -9.36
CA PRO A 220 16.64 3.74 -9.10
C PRO A 220 16.02 4.60 -8.03
N GLU A 221 16.81 5.02 -7.06
CA GLU A 221 16.41 5.87 -5.95
C GLU A 221 15.53 7.05 -6.39
N SER A 222 15.97 7.77 -7.40
CA SER A 222 15.27 8.93 -8.02
C SER A 222 13.84 8.58 -8.42
N ILE A 223 13.59 7.34 -8.87
CA ILE A 223 12.24 6.93 -9.30
C ILE A 223 11.31 6.71 -8.11
N VAL A 224 11.84 6.16 -7.02
CA VAL A 224 10.98 5.82 -5.87
C VAL A 224 10.65 7.13 -5.12
N ARG A 225 11.66 7.95 -4.89
CA ARG A 225 11.53 9.32 -4.33
C ARG A 225 10.38 10.15 -4.95
N THR A 226 10.40 10.28 -6.29
CA THR A 226 9.35 10.91 -7.11
C THR A 226 7.96 10.39 -6.74
N VAL A 227 7.76 9.07 -6.88
CA VAL A 227 6.45 8.45 -6.61
C VAL A 227 6.17 8.52 -5.12
N VAL A 228 7.18 8.58 -4.27
CA VAL A 228 6.85 8.63 -2.84
C VAL A 228 6.17 9.97 -2.61
N HIS A 229 6.65 11.03 -3.30
CA HIS A 229 6.21 12.43 -3.05
C HIS A 229 4.77 12.60 -3.54
N MET A 230 4.52 12.11 -4.76
CA MET A 230 3.22 12.00 -5.43
C MET A 230 2.14 11.29 -4.59
N MET A 231 2.54 10.23 -3.88
CA MET A 231 1.69 9.47 -2.92
C MET A 231 1.30 10.37 -1.73
N GLU A 232 1.97 11.53 -1.56
CA GLU A 232 1.68 12.44 -0.42
C GLU A 232 0.29 13.08 -0.63
N SER A 233 -0.22 13.00 -1.86
CA SER A 233 -1.47 13.68 -2.28
C SER A 233 -2.68 12.93 -1.78
N VAL A 234 -2.45 11.67 -1.40
CA VAL A 234 -3.48 10.69 -1.00
C VAL A 234 -3.85 10.94 0.47
N ALA A 235 -2.94 11.56 1.23
CA ALA A 235 -3.15 11.81 2.66
C ALA A 235 -3.59 13.26 2.90
N LEU A 236 -3.82 13.98 1.80
CA LEU A 236 -4.26 15.38 1.78
C LEU A 236 -5.68 15.48 1.23
N PRO A 237 -6.36 16.65 1.41
CA PRO A 237 -7.69 16.90 0.86
C PRO A 237 -7.76 16.67 -0.65
N GLY A 238 -8.83 15.99 -1.09
CA GLY A 238 -8.99 15.55 -2.49
C GLY A 238 -8.38 14.19 -2.67
N GLY A 239 -7.70 13.70 -1.64
CA GLY A 239 -6.98 12.42 -1.65
C GLY A 239 -7.79 11.37 -0.94
N GLY A 240 -7.91 10.17 -1.52
CA GLY A 240 -8.72 9.10 -0.94
C GLY A 240 -8.29 8.67 0.45
N GLY A 241 -7.06 9.05 0.85
CA GLY A 241 -6.45 8.61 2.12
C GLY A 241 -6.38 9.68 3.19
N VAL A 242 -7.13 10.76 3.01
CA VAL A 242 -7.08 11.96 3.87
C VAL A 242 -7.25 11.65 5.37
N LYS A 243 -8.08 10.67 5.75
CA LYS A 243 -8.44 10.41 7.17
C LYS A 243 -7.28 9.70 7.93
N ALA A 244 -6.32 9.12 7.19
CA ALA A 244 -5.02 8.67 7.72
C ALA A 244 -4.09 9.86 8.06
N ALA A 245 -4.37 11.07 7.57
CA ALA A 245 -3.50 12.25 7.77
C ALA A 245 -3.15 12.46 9.25
N ILE A 246 -1.88 12.76 9.51
CA ILE A 246 -1.35 12.98 10.87
C ILE A 246 -0.77 14.38 10.92
N LYS A 247 -1.33 15.22 11.80
CA LYS A 247 -0.84 16.58 12.05
C LYS A 247 0.67 16.51 12.25
N GLY A 248 1.41 17.40 11.59
CA GLY A 248 2.85 17.54 11.84
C GLY A 248 3.75 16.66 10.98
N TYR A 249 3.17 15.78 10.15
CA TYR A 249 3.95 14.85 9.29
C TYR A 249 3.39 14.74 7.87
N ARG A 250 4.31 14.65 6.89
CA ARG A 250 4.02 14.14 5.55
C ARG A 250 3.94 12.62 5.61
N ILE A 251 2.99 12.05 4.85
CA ILE A 251 2.90 10.57 4.69
C ILE A 251 2.58 10.19 3.23
N ALA A 252 3.15 9.06 2.78
CA ALA A 252 2.93 8.52 1.43
C ALA A 252 2.26 7.15 1.55
N ILE A 253 0.95 7.10 1.27
CA ILE A 253 0.11 5.91 1.56
C ILE A 253 -0.64 5.45 0.32
N LYS A 254 -1.36 4.32 0.47
CA LYS A 254 -2.45 3.87 -0.44
C LYS A 254 -3.52 3.09 0.32
N THR A 255 -4.75 3.59 0.33
CA THR A 255 -5.95 2.87 0.85
C THR A 255 -6.74 2.35 -0.34
N GLY A 256 -7.43 1.23 -0.11
CA GLY A 256 -8.53 0.73 -0.96
C GLY A 256 -9.32 -0.34 -0.24
N THR A 257 -10.10 -1.12 -1.00
CA THR A 257 -10.84 -2.31 -0.51
C THR A 257 -10.88 -3.41 -1.59
N ALA A 258 -11.38 -4.58 -1.19
CA ALA A 258 -11.46 -5.78 -2.02
C ALA A 258 -12.65 -6.60 -1.52
N LYS A 259 -13.66 -6.78 -2.36
CA LYS A 259 -14.81 -7.64 -2.05
C LYS A 259 -14.32 -9.07 -1.99
N LYS A 260 -14.19 -9.65 -0.78
CA LYS A 260 -13.65 -11.01 -0.63
C LYS A 260 -14.34 -11.94 -1.63
N VAL A 261 -13.54 -12.78 -2.28
CA VAL A 261 -14.01 -13.77 -3.27
C VAL A 261 -14.13 -15.13 -2.56
N GLY A 262 -15.18 -15.91 -2.88
CA GLY A 262 -15.42 -17.22 -2.26
C GLY A 262 -14.28 -18.21 -2.51
N PRO A 263 -14.39 -19.47 -2.05
CA PRO A 263 -13.45 -20.52 -2.47
C PRO A 263 -13.66 -20.83 -3.97
N ASP A 264 -14.81 -20.38 -4.49
CA ASP A 264 -15.12 -20.27 -5.93
C ASP A 264 -15.07 -18.78 -6.34
N GLY A 265 -15.06 -18.51 -7.65
CA GLY A 265 -14.77 -17.18 -8.21
C GLY A 265 -15.73 -16.05 -7.83
N ARG A 266 -16.93 -16.39 -7.34
CA ARG A 266 -17.99 -15.40 -7.03
C ARG A 266 -17.54 -14.40 -5.96
N TYR A 267 -17.61 -13.10 -6.27
CA TYR A 267 -17.30 -12.02 -5.33
C TYR A 267 -18.38 -11.93 -4.25
N ILE A 268 -17.98 -12.26 -3.01
CA ILE A 268 -18.86 -12.25 -1.81
C ILE A 268 -19.01 -10.81 -1.31
N ASN A 269 -20.05 -10.55 -0.52
CA ASN A 269 -20.34 -9.22 0.04
C ASN A 269 -19.38 -8.82 1.16
N LYS A 270 -18.36 -9.64 1.44
CA LYS A 270 -17.30 -9.28 2.40
C LYS A 270 -16.41 -8.20 1.79
N TYR A 271 -15.81 -7.38 2.63
CA TYR A 271 -14.85 -6.34 2.21
C TYR A 271 -13.61 -6.43 3.08
N ILE A 272 -12.47 -6.16 2.48
CA ILE A 272 -11.18 -6.15 3.19
C ILE A 272 -10.52 -4.79 2.92
N ALA A 273 -10.80 -3.84 3.82
CA ALA A 273 -10.24 -2.47 3.74
C ALA A 273 -8.78 -2.55 4.15
N TYR A 274 -7.89 -1.84 3.43
CA TYR A 274 -6.44 -1.92 3.69
C TYR A 274 -5.81 -0.54 3.46
N THR A 275 -4.76 -0.20 4.21
CA THR A 275 -3.92 0.98 3.89
C THR A 275 -2.46 0.54 3.85
N ALA A 276 -1.59 1.22 3.11
CA ALA A 276 -0.17 0.91 3.25
C ALA A 276 0.67 2.11 2.99
N GLY A 277 1.81 2.26 3.61
CA GLY A 277 2.49 3.53 3.37
C GLY A 277 3.74 3.52 4.17
N VAL A 278 4.45 4.67 4.17
CA VAL A 278 5.72 4.88 4.91
C VAL A 278 5.74 6.30 5.49
N ALA A 279 6.55 6.61 6.53
CA ALA A 279 6.49 8.01 7.03
C ALA A 279 7.74 8.25 7.86
N PRO A 280 8.19 9.52 8.01
CA PRO A 280 7.70 10.67 7.31
C PRO A 280 8.20 10.59 5.86
N ALA A 281 7.41 11.09 4.91
CA ALA A 281 7.71 11.02 3.47
C ALA A 281 9.03 11.68 3.10
N SER A 282 9.41 12.76 3.77
CA SER A 282 10.66 13.46 3.43
C SER A 282 11.83 12.54 3.74
N GLN A 283 11.75 11.87 4.88
CA GLN A 283 12.63 10.78 5.25
C GLN A 283 11.71 9.67 5.71
N PRO A 284 11.87 8.49 5.12
CA PRO A 284 11.00 7.38 5.49
C PRO A 284 11.66 6.54 6.57
N ARG A 285 10.99 6.38 7.70
CA ARG A 285 11.55 5.61 8.80
C ARG A 285 10.85 4.24 8.87
N PHE A 286 9.53 4.22 8.60
CA PHE A 286 8.67 3.06 8.85
C PHE A 286 7.76 2.81 7.67
N ALA A 287 7.47 1.54 7.46
CA ALA A 287 6.51 1.04 6.45
C ALA A 287 5.38 0.43 7.27
N LEU A 288 4.14 0.86 7.07
CA LEU A 288 3.05 0.25 7.86
C LEU A 288 2.01 -0.30 6.88
N VAL A 289 1.46 -1.49 7.13
CA VAL A 289 0.34 -2.06 6.33
C VAL A 289 -0.76 -2.46 7.31
N VAL A 290 -1.96 -1.87 7.18
CA VAL A 290 -3.09 -2.19 8.11
C VAL A 290 -4.22 -2.71 7.22
N VAL A 291 -4.80 -3.85 7.64
CA VAL A 291 -5.98 -4.52 7.06
C VAL A 291 -7.07 -4.54 8.13
N ILE A 292 -8.32 -4.30 7.70
CA ILE A 292 -9.54 -4.51 8.51
C ILE A 292 -10.46 -5.38 7.66
N ASN A 293 -10.69 -6.59 8.15
CA ASN A 293 -11.38 -7.68 7.44
C ASN A 293 -12.88 -7.64 7.79
N ASP A 294 -13.72 -7.60 6.75
CA ASP A 294 -15.20 -7.70 6.84
C ASP A 294 -15.80 -6.66 7.81
N PRO A 295 -15.66 -5.35 7.51
CA PRO A 295 -16.30 -4.31 8.35
C PRO A 295 -17.80 -4.29 8.10
N GLN A 296 -18.60 -4.08 9.15
CA GLN A 296 -20.06 -4.21 9.08
C GLN A 296 -20.77 -2.88 9.46
N ALA A 297 -20.04 -1.91 10.00
CA ALA A 297 -20.58 -0.60 10.39
C ALA A 297 -20.21 0.47 9.37
N GLY A 298 -20.93 1.60 9.39
CA GLY A 298 -20.64 2.73 8.51
C GLY A 298 -20.68 2.33 7.04
N LYS A 299 -19.69 2.73 6.27
CA LYS A 299 -19.57 2.19 4.92
C LYS A 299 -18.55 1.06 4.95
N TYR A 300 -19.04 -0.17 4.96
CA TYR A 300 -18.15 -1.33 5.01
C TYR A 300 -17.30 -1.45 3.76
N TYR A 301 -17.93 -1.23 2.61
CA TYR A 301 -17.25 -1.27 1.32
C TYR A 301 -16.18 -0.18 1.18
N GLY A 302 -16.51 1.00 1.71
CA GLY A 302 -15.73 2.22 1.45
C GLY A 302 -14.25 1.98 1.22
N GLY A 303 -13.63 2.77 0.32
CA GLY A 303 -12.23 2.60 -0.09
C GLY A 303 -11.23 2.95 1.02
N ALA A 304 -11.68 3.76 1.99
CA ALA A 304 -10.85 4.36 3.05
C ALA A 304 -11.14 3.81 4.46
N VAL A 305 -11.93 2.74 4.57
CA VAL A 305 -12.34 2.20 5.90
C VAL A 305 -11.10 2.05 6.82
N SER A 306 -9.99 1.56 6.28
CA SER A 306 -8.78 1.25 7.08
C SER A 306 -7.86 2.45 7.23
N ALA A 307 -8.20 3.60 6.62
CA ALA A 307 -7.33 4.77 6.58
C ALA A 307 -7.23 5.47 7.94
N PRO A 308 -8.32 5.55 8.74
CA PRO A 308 -8.20 6.18 10.07
C PRO A 308 -7.17 5.44 10.95
N VAL A 309 -7.32 4.12 11.14
CA VAL A 309 -6.41 3.35 12.04
C VAL A 309 -4.94 3.38 11.57
N PHE A 310 -4.71 3.35 10.26
CA PHE A 310 -3.35 3.55 9.77
C PHE A 310 -2.83 4.84 10.42
N GLY A 311 -3.66 5.90 10.38
CA GLY A 311 -3.36 7.22 10.95
C GLY A 311 -3.07 7.16 12.43
N ALA A 312 -3.94 6.50 13.19
CA ALA A 312 -3.75 6.26 14.64
C ALA A 312 -2.40 5.59 14.90
N ILE A 313 -2.15 4.47 14.21
CA ILE A 313 -0.95 3.67 14.44
C ILE A 313 0.32 4.44 14.02
N MET A 314 0.41 4.92 12.79
CA MET A 314 1.65 5.62 12.38
C MET A 314 1.91 6.85 13.26
N GLY A 315 0.83 7.57 13.59
CA GLY A 315 0.82 8.73 14.51
C GLY A 315 1.44 8.38 15.84
N GLY A 316 0.98 7.28 16.47
CA GLY A 316 1.55 6.83 17.74
C GLY A 316 3.01 6.42 17.63
N VAL A 317 3.35 5.73 16.54
CA VAL A 317 4.72 5.25 16.31
C VAL A 317 5.69 6.43 16.22
N LEU A 318 5.41 7.38 15.32
CA LEU A 318 6.34 8.49 15.04
C LEU A 318 6.65 9.26 16.33
N ARG A 319 5.60 9.57 17.10
CA ARG A 319 5.69 10.26 18.40
C ARG A 319 6.49 9.41 19.37
N THR A 320 6.06 8.16 19.58
CA THR A 320 6.78 7.20 20.43
C THR A 320 8.27 7.12 20.07
N MET A 321 8.66 7.27 18.80
CA MET A 321 10.08 7.11 18.41
C MET A 321 10.77 8.46 18.31
N ASN A 322 10.18 9.50 18.92
CA ASN A 322 10.65 10.89 18.83
C ASN A 322 11.19 11.17 17.43
N ILE A 323 10.35 10.99 16.40
CA ILE A 323 10.74 11.36 15.02
C ILE A 323 10.27 12.80 14.75
N GLU A 324 11.21 13.67 14.37
CA GLU A 324 10.96 15.13 14.24
C GLU A 324 9.91 15.44 13.17
N PRO A 325 8.92 16.30 13.50
CA PRO A 325 7.86 16.65 12.55
C PRO A 325 8.37 16.98 11.15
N ASP A 326 7.57 16.66 10.14
CA ASP A 326 7.97 16.65 8.73
C ASP A 326 7.31 17.80 7.94
N ALA A 327 6.08 18.16 8.31
CA ALA A 327 5.26 19.14 7.57
C ALA A 327 5.80 20.56 7.72
#